data_5XLY
#
_entry.id   5XLY
#
_cell.length_a   79.440
_cell.length_b   57.410
_cell.length_c   104.639
_cell.angle_alpha   90.00
_cell.angle_beta   100.16
_cell.angle_gamma   90.00
#
_symmetry.space_group_name_H-M   'I 1 2 1'
#
loop_
_entity.id
_entity.type
_entity.pdbx_description
1 polymer 'Chemotaxis protein methyltransferase 1'
2 polymer 'Cyclic diguanosine monophosphate-binding protein PA4608'
3 non-polymer "9,9'-[(2R,3R,3aS,5S,7aR,9R,10R,10aS,12S,14aR)-3,5,10,12-tetrahydroxy-5,12-dioxidooctahydro-2H,7H-difuro[3,2-d:3',2'-j][1,3,7,9,2,8]tetraoxadiphosphacyclododecine-2,9-diyl]bis(2-amino-1,9-dihydro-6H-purin-6-one)"
4 water water
#
loop_
_entity_poly.entity_id
_entity_poly.type
_entity_poly.pdbx_seq_one_letter_code
_entity_poly.pdbx_strand_id
1 'polypeptide(L)'
;MSAANADFELFRVFLEKTCGIVLGSNKQYLVSSRLNKLMEQQGIKSLGELVQRIQTQRGGLREMVVDAMTTNETLWFRDT
YPFEVLKQRVLPELIKANGGQRLRIWSAACSSGQEPYSLSMAIDEFEKTNLGQLKAGVQIVATDLSGSMLTAAKAGEYDT
LAMGRGLSPERLQRYFDAKGPGRWAVKPAIRSRVEFRALNLLDSYASLGKFDMVFCRNVLIYFSAEVKRDILLRIHGTLK
PGGYLFLGASEALNNLPDHYQMVQCSPGIIYRAKLEHHHHH
;
A
2 'polypeptide(L)'
;MSDQHDERRRFHRIAFDADSEILQGERRWEVLLHDVSLHGILVGQPQDWNGDPQRPFEARLYLGLDVLIRMEISLAWARD
GLLGFECQHIDLDSISHLRRLVELNLGDEELLERELALLVSAHDDLEHHHHHH
;
B
#
loop_
_chem_comp.id
_chem_comp.type
_chem_comp.name
_chem_comp.formula
C2E non-polymer 9,9'-[(2R,3R,3aS,5S,7aR,9R,10R,10aS,12S,14aR)-3,5,10,12-tetrahydroxy-5,12-dioxidooctahydro-2H,7H-difuro[3,2-d:3',2'-j][1,3,7,9,2,8]tetraoxadiphosphacyclododecine-2,9-diyl]bis(2-amino-1,9-dihydro-6H-purin-6-one) 'C20 H24 N10 O14 P2'
#
# COMPACT_ATOMS: atom_id res chain seq x y z
N ASN A 5 -22.37 2.96 -19.19
CA ASN A 5 -21.47 3.00 -20.33
C ASN A 5 -21.08 1.59 -20.77
N ALA A 6 -21.26 1.30 -22.06
CA ALA A 6 -21.06 -0.05 -22.55
C ALA A 6 -19.59 -0.47 -22.45
N ASP A 7 -18.67 0.41 -22.84
CA ASP A 7 -17.25 0.09 -22.74
C ASP A 7 -16.85 -0.24 -21.31
N PHE A 8 -17.36 0.53 -20.35
CA PHE A 8 -17.04 0.29 -18.95
C PHE A 8 -17.61 -1.04 -18.47
N GLU A 9 -18.84 -1.36 -18.89
CA GLU A 9 -19.44 -2.63 -18.50
C GLU A 9 -18.64 -3.81 -19.06
N LEU A 10 -18.13 -3.68 -20.29
CA LEU A 10 -17.28 -4.72 -20.85
C LEU A 10 -15.99 -4.86 -20.06
N PHE A 11 -15.46 -3.75 -19.56
CA PHE A 11 -14.26 -3.82 -18.73
C PHE A 11 -14.54 -4.55 -17.42
N ARG A 12 -15.71 -4.31 -16.82
CA ARG A 12 -16.10 -5.08 -15.64
C ARG A 12 -16.13 -6.58 -15.94
N VAL A 13 -16.68 -6.94 -17.11
CA VAL A 13 -16.71 -8.34 -17.52
C VAL A 13 -15.30 -8.90 -17.62
N PHE A 14 -14.38 -8.14 -18.22
CA PHE A 14 -13.00 -8.60 -18.35
C PHE A 14 -12.39 -8.90 -16.99
N LEU A 15 -12.52 -7.98 -16.04
CA LEU A 15 -11.91 -8.16 -14.73
C LEU A 15 -12.47 -9.38 -14.01
N GLU A 16 -13.79 -9.61 -14.13
CA GLU A 16 -14.38 -10.77 -13.48
C GLU A 16 -13.99 -12.05 -14.19
N LYS A 17 -14.02 -12.05 -15.52
CA LYS A 17 -13.79 -13.28 -16.28
C LYS A 17 -12.34 -13.76 -16.16
N THR A 18 -11.38 -12.82 -16.16
CA THR A 18 -9.98 -13.21 -16.17
C THR A 18 -9.46 -13.47 -14.75
N CYS A 19 -9.72 -12.55 -13.83
CA CYS A 19 -9.11 -12.59 -12.51
C CYS A 19 -10.11 -12.78 -11.38
N GLY A 20 -11.40 -12.86 -11.66
CA GLY A 20 -12.38 -12.90 -10.60
C GLY A 20 -12.49 -11.62 -9.82
N ILE A 21 -11.97 -10.52 -10.34
CA ILE A 21 -12.06 -9.23 -9.66
C ILE A 21 -13.43 -8.62 -9.91
N VAL A 22 -14.11 -8.26 -8.83
CA VAL A 22 -15.45 -7.69 -8.91
C VAL A 22 -15.29 -6.18 -8.83
N LEU A 23 -15.60 -5.52 -9.94
CA LEU A 23 -15.56 -4.06 -10.03
C LEU A 23 -16.97 -3.51 -9.90
N GLY A 24 -17.16 -2.60 -8.94
CA GLY A 24 -18.45 -1.98 -8.79
C GLY A 24 -18.83 -1.14 -9.99
N SER A 25 -20.13 -1.02 -10.23
CA SER A 25 -20.63 -0.22 -11.34
C SER A 25 -20.48 1.28 -11.10
N ASN A 26 -19.97 1.69 -9.93
N ASN A 26 -19.93 1.67 -9.94
CA ASN A 26 -19.81 3.10 -9.59
CA ASN A 26 -19.80 3.06 -9.53
C ASN A 26 -18.35 3.53 -9.60
C ASN A 26 -18.38 3.59 -9.70
N LYS A 27 -17.51 2.85 -10.39
CA LYS A 27 -16.07 3.10 -10.39
C LYS A 27 -15.53 3.50 -11.76
N GLN A 28 -16.38 4.05 -12.63
CA GLN A 28 -15.87 4.55 -13.92
C GLN A 28 -14.77 5.57 -13.72
N TYR A 29 -14.95 6.46 -12.73
CA TYR A 29 -13.95 7.50 -12.46
C TYR A 29 -12.63 6.87 -12.02
N LEU A 30 -12.69 5.81 -11.21
CA LEU A 30 -11.47 5.19 -10.70
C LEU A 30 -10.74 4.44 -11.80
N VAL A 31 -11.49 3.83 -12.72
CA VAL A 31 -10.90 3.14 -13.86
C VAL A 31 -10.12 4.12 -14.73
N SER A 32 -10.73 5.27 -15.03
CA SER A 32 -10.05 6.26 -15.86
C SER A 32 -8.77 6.75 -15.22
N SER A 33 -8.78 6.98 -13.91
CA SER A 33 -7.60 7.47 -13.22
C SER A 33 -6.48 6.43 -13.22
N ARG A 34 -6.81 5.18 -12.90
CA ARG A 34 -5.76 4.17 -12.75
C ARG A 34 -5.19 3.70 -14.09
N LEU A 35 -5.94 3.84 -15.18
CA LEU A 35 -5.50 3.39 -16.49
C LEU A 35 -5.02 4.53 -17.37
N ASN A 36 -5.11 5.78 -16.90
CA ASN A 36 -4.65 6.91 -17.70
C ASN A 36 -3.21 6.75 -18.14
N LYS A 37 -2.32 6.43 -17.20
CA LYS A 37 -0.89 6.30 -17.53
C LYS A 37 -0.67 5.23 -18.59
N LEU A 38 -1.22 4.04 -18.37
CA LEU A 38 -0.96 2.90 -19.24
C LEU A 38 -1.51 3.15 -20.64
N MET A 39 -2.72 3.73 -20.75
CA MET A 39 -3.30 3.97 -22.06
C MET A 39 -2.48 4.99 -22.85
N GLU A 40 -1.90 5.97 -22.16
CA GLU A 40 -1.04 6.95 -22.81
C GLU A 40 0.16 6.28 -23.47
N GLN A 41 0.93 5.51 -22.68
CA GLN A 41 2.12 4.87 -23.22
C GLN A 41 1.79 3.85 -24.32
N GLN A 42 0.65 3.19 -24.19
CA GLN A 42 0.26 2.18 -25.16
C GLN A 42 -0.36 2.74 -26.44
N GLY A 43 -0.56 4.05 -26.51
CA GLY A 43 -1.19 4.63 -27.68
C GLY A 43 -2.65 4.29 -27.81
N ILE A 44 -3.33 4.00 -26.70
CA ILE A 44 -4.75 3.67 -26.68
C ILE A 44 -5.52 4.93 -26.31
N LYS A 45 -6.52 5.27 -27.12
CA LYS A 45 -7.23 6.54 -26.99
C LYS A 45 -8.56 6.42 -26.26
N SER A 46 -9.05 5.22 -25.99
CA SER A 46 -10.32 5.07 -25.30
C SER A 46 -10.36 3.75 -24.54
N LEU A 47 -11.21 3.70 -23.52
CA LEU A 47 -11.43 2.46 -22.80
C LEU A 47 -11.96 1.37 -23.73
N GLY A 48 -12.85 1.75 -24.66
CA GLY A 48 -13.39 0.77 -25.59
C GLY A 48 -12.31 0.08 -26.41
N GLU A 49 -11.33 0.86 -26.89
CA GLU A 49 -10.23 0.25 -27.62
C GLU A 49 -9.38 -0.63 -26.70
N LEU A 50 -9.21 -0.21 -25.45
CA LEU A 50 -8.48 -1.04 -24.49
C LEU A 50 -9.17 -2.38 -24.30
N VAL A 51 -10.50 -2.37 -24.20
CA VAL A 51 -11.25 -3.61 -24.01
C VAL A 51 -11.08 -4.53 -25.22
N GLN A 52 -11.09 -3.96 -26.42
CA GLN A 52 -10.84 -4.76 -27.61
C GLN A 52 -9.42 -5.33 -27.60
N ARG A 53 -8.44 -4.50 -27.23
CA ARG A 53 -7.04 -4.93 -27.31
C ARG A 53 -6.73 -6.02 -26.29
N ILE A 54 -7.41 -6.01 -25.16
CA ILE A 54 -7.20 -7.02 -24.16
C ILE A 54 -7.94 -8.33 -24.42
N GLN A 55 -8.80 -8.41 -25.43
CA GLN A 55 -9.36 -9.73 -25.72
C GLN A 55 -8.10 -10.18 -26.48
N THR A 56 -7.36 -11.11 -25.93
CA THR A 56 -6.06 -11.60 -26.39
C THR A 56 -5.10 -11.10 -25.32
N GLN A 57 -4.39 -11.96 -24.61
CA GLN A 57 -4.27 -13.42 -24.68
C GLN A 57 -2.94 -13.87 -25.14
N ARG A 58 -2.21 -12.90 -25.61
CA ARG A 58 -0.88 -13.04 -26.02
C ARG A 58 -0.45 -11.72 -25.50
N GLY A 59 0.82 -11.58 -25.30
CA GLY A 59 1.39 -10.33 -24.87
C GLY A 59 1.16 -10.04 -23.41
N GLY A 60 1.72 -8.94 -22.97
CA GLY A 60 1.66 -8.58 -21.57
C GLY A 60 0.74 -7.40 -21.27
N LEU A 61 -0.18 -7.10 -22.19
CA LEU A 61 -1.07 -5.96 -21.97
C LEU A 61 -2.07 -6.25 -20.85
N ARG A 62 -2.64 -7.46 -20.82
CA ARG A 62 -3.60 -7.79 -19.77
C ARG A 62 -2.97 -7.69 -18.38
N GLU A 63 -1.74 -8.18 -18.23
CA GLU A 63 -1.05 -8.04 -16.95
C GLU A 63 -0.87 -6.57 -16.58
N MET A 64 -0.50 -5.75 -17.56
CA MET A 64 -0.28 -4.33 -17.28
C MET A 64 -1.55 -3.64 -16.84
N VAL A 65 -2.70 -4.05 -17.40
CA VAL A 65 -3.97 -3.49 -16.99
C VAL A 65 -4.30 -3.88 -15.56
N VAL A 66 -4.13 -5.15 -15.22
CA VAL A 66 -4.40 -5.61 -13.87
C VAL A 66 -3.42 -4.97 -12.89
N ASP A 67 -2.16 -4.80 -13.31
CA ASP A 67 -1.17 -4.07 -12.53
C ASP A 67 -1.69 -2.69 -12.16
N ALA A 68 -2.05 -1.88 -13.15
CA ALA A 68 -2.49 -0.52 -12.90
C ALA A 68 -3.78 -0.48 -12.08
N MET A 69 -4.68 -1.44 -12.30
CA MET A 69 -5.97 -1.42 -11.61
C MET A 69 -5.86 -1.76 -10.13
N THR A 70 -4.79 -2.44 -9.71
CA THR A 70 -4.68 -2.92 -8.34
C THR A 70 -3.63 -2.15 -7.53
N THR A 71 -3.22 -0.97 -8.00
CA THR A 71 -2.31 -0.11 -7.27
C THR A 71 -3.10 0.96 -6.52
N ASN A 72 -2.97 0.97 -5.20
CA ASN A 72 -3.59 2.01 -4.38
C ASN A 72 -2.66 3.20 -4.27
N GLU A 73 -3.24 4.40 -4.32
CA GLU A 73 -2.50 5.62 -4.06
C GLU A 73 -2.74 6.07 -2.62
N THR A 74 -1.74 6.70 -2.03
CA THR A 74 -1.87 7.24 -0.68
C THR A 74 -2.55 8.60 -0.73
N LEU A 75 -2.83 9.14 0.46
CA LEU A 75 -3.56 10.39 0.62
C LEU A 75 -2.64 11.53 1.02
N TRP A 76 -3.01 12.75 0.65
CA TRP A 76 -2.29 13.95 1.06
C TRP A 76 -2.51 14.22 2.53
N PHE A 77 -1.42 14.52 3.25
CA PHE A 77 -1.47 14.90 4.66
C PHE A 77 -2.34 13.94 5.46
N ARG A 78 -2.09 12.65 5.27
CA ARG A 78 -2.95 11.60 5.82
C ARG A 78 -3.11 11.76 7.33
N ASP A 79 -4.36 11.94 7.75
CA ASP A 79 -4.84 12.07 9.12
C ASP A 79 -4.61 13.48 9.70
N THR A 80 -3.93 14.37 8.99
CA THR A 80 -3.71 15.76 9.39
C THR A 80 -2.81 15.89 10.61
N TYR A 81 -3.19 15.26 11.73
CA TYR A 81 -2.53 15.54 13.01
C TYR A 81 -1.03 15.20 13.05
N PRO A 82 -0.54 14.13 12.41
CA PRO A 82 0.91 13.89 12.47
C PRO A 82 1.74 15.04 11.90
N PHE A 83 1.20 15.77 10.94
CA PHE A 83 1.94 16.90 10.38
C PHE A 83 1.86 18.12 11.27
N GLU A 84 0.79 18.25 12.04
CA GLU A 84 0.74 19.28 13.08
C GLU A 84 1.72 18.96 14.20
N VAL A 85 1.79 17.69 14.60
CA VAL A 85 2.77 17.26 15.60
C VAL A 85 4.18 17.56 15.11
N LEU A 86 4.45 17.26 13.83
CA LEU A 86 5.76 17.54 13.25
C LEU A 86 6.11 19.02 13.37
N LYS A 87 5.18 19.91 13.01
CA LYS A 87 5.50 21.33 12.97
C LYS A 87 5.44 21.99 14.33
N GLN A 88 4.59 21.50 15.24
CA GLN A 88 4.39 22.17 16.51
C GLN A 88 5.26 21.62 17.64
N ARG A 89 5.64 20.35 17.59
CA ARG A 89 6.42 19.75 18.66
C ARG A 89 7.77 19.23 18.21
N VAL A 90 7.81 18.37 17.19
CA VAL A 90 9.06 17.66 16.87
C VAL A 90 10.10 18.64 16.33
N LEU A 91 9.76 19.41 15.31
CA LEU A 91 10.71 20.37 14.77
C LEU A 91 11.18 21.39 15.81
N PRO A 92 10.34 21.96 16.67
CA PRO A 92 10.88 22.79 17.76
C PRO A 92 11.77 22.02 18.73
N GLU A 93 11.43 20.76 19.04
CA GLU A 93 12.29 19.96 19.89
C GLU A 93 13.67 19.78 19.28
N LEU A 94 13.73 19.51 17.98
CA LEU A 94 15.01 19.26 17.32
C LEU A 94 15.82 20.54 17.14
N ILE A 95 15.14 21.68 16.98
CA ILE A 95 15.86 22.94 16.87
C ILE A 95 16.56 23.27 18.19
N LYS A 96 15.94 22.94 19.32
CA LYS A 96 16.63 23.03 20.60
C LYS A 96 17.72 21.97 20.69
N ALA A 97 18.79 22.14 19.91
CA ALA A 97 19.90 21.19 19.89
C ALA A 97 21.15 21.84 19.33
N GLN A 101 23.26 20.94 12.14
CA GLN A 101 22.69 19.62 12.05
C GLN A 101 21.56 19.50 11.03
N ARG A 102 21.85 18.82 9.92
CA ARG A 102 20.85 18.64 8.88
C ARG A 102 19.79 17.63 9.31
N LEU A 103 18.54 17.93 8.97
CA LEU A 103 17.41 17.07 9.32
C LEU A 103 17.24 15.99 8.26
N ARG A 104 17.17 14.73 8.70
CA ARG A 104 16.94 13.60 7.81
C ARG A 104 15.67 12.88 8.24
N ILE A 105 14.74 12.73 7.32
CA ILE A 105 13.46 12.06 7.56
C ILE A 105 13.34 10.92 6.57
N TRP A 106 12.93 9.75 7.07
CA TRP A 106 12.68 8.58 6.24
C TRP A 106 11.16 8.42 6.08
N SER A 107 10.69 8.48 4.84
CA SER A 107 9.31 8.16 4.51
C SER A 107 9.33 6.76 3.91
N ALA A 108 8.99 5.76 4.72
CA ALA A 108 9.10 4.37 4.31
C ALA A 108 7.83 3.91 3.60
N ALA A 109 8.01 3.16 2.52
CA ALA A 109 6.92 2.69 1.66
C ALA A 109 6.06 3.86 1.19
N CYS A 110 6.72 4.78 0.48
CA CYS A 110 6.12 6.06 0.10
C CYS A 110 5.07 5.93 -1.00
N SER A 111 4.98 4.77 -1.65
CA SER A 111 3.92 4.50 -2.64
C SER A 111 3.95 5.61 -3.70
N SER A 112 2.83 6.28 -3.98
CA SER A 112 2.75 7.25 -5.05
C SER A 112 3.34 8.62 -4.67
N GLY A 113 3.82 8.79 -3.44
CA GLY A 113 4.59 9.96 -3.08
C GLY A 113 3.87 11.01 -2.25
N GLN A 114 2.59 10.82 -1.96
CA GLN A 114 1.81 11.85 -1.27
C GLN A 114 2.39 12.18 0.09
N GLU A 115 2.87 11.16 0.83
CA GLU A 115 3.41 11.44 2.16
C GLU A 115 4.74 12.21 2.12
N PRO A 116 5.76 11.78 1.38
CA PRO A 116 7.00 12.56 1.37
C PRO A 116 6.83 13.96 0.84
N TYR A 117 5.91 14.16 -0.13
CA TYR A 117 5.66 15.52 -0.60
C TYR A 117 4.88 16.32 0.43
N SER A 118 3.97 15.66 1.18
CA SER A 118 3.29 16.33 2.28
C SER A 118 4.28 16.77 3.34
N LEU A 119 5.25 15.90 3.67
CA LEU A 119 6.28 16.28 4.62
C LEU A 119 7.07 17.48 4.13
N SER A 120 7.40 17.50 2.83
CA SER A 120 8.16 18.63 2.29
C SER A 120 7.37 19.93 2.37
N MET A 121 6.07 19.87 2.09
CA MET A 121 5.23 21.06 2.23
C MET A 121 5.16 21.50 3.70
N ALA A 122 4.98 20.55 4.62
CA ALA A 122 4.92 20.89 6.04
C ALA A 122 6.23 21.52 6.50
N ILE A 123 7.36 20.99 6.03
CA ILE A 123 8.65 21.59 6.36
C ILE A 123 8.72 23.03 5.85
N ASP A 124 8.31 23.22 4.59
CA ASP A 124 8.33 24.57 4.01
C ASP A 124 7.44 25.52 4.80
N GLU A 125 6.25 25.06 5.21
CA GLU A 125 5.37 25.90 6.01
C GLU A 125 6.02 26.27 7.34
N PHE A 126 6.75 25.33 7.95
CA PHE A 126 7.47 25.65 9.18
C PHE A 126 8.59 26.65 8.94
N GLU A 127 9.35 26.46 7.86
CA GLU A 127 10.48 27.35 7.58
C GLU A 127 10.03 28.76 7.28
N LYS A 128 8.83 28.93 6.72
CA LYS A 128 8.35 30.26 6.39
C LYS A 128 7.82 30.99 7.61
N THR A 129 7.34 30.27 8.61
CA THR A 129 6.85 30.88 9.84
C THR A 129 7.88 30.86 10.96
N ASN A 130 9.10 30.41 10.69
CA ASN A 130 10.10 30.25 11.74
C ASN A 130 11.51 30.53 11.23
N LEU A 131 11.71 31.71 10.64
CA LEU A 131 13.05 32.18 10.33
C LEU A 131 13.90 31.22 9.51
N GLY A 132 15.23 31.40 9.60
CA GLY A 132 16.18 30.39 9.22
C GLY A 132 16.54 29.56 10.45
N GLN A 133 15.52 29.09 11.17
CA GLN A 133 15.79 28.23 12.33
C GLN A 133 16.26 26.85 11.90
N LEU A 134 15.78 26.35 10.77
CA LEU A 134 16.34 25.16 10.14
C LEU A 134 17.55 25.59 9.32
N LYS A 135 18.63 25.93 10.05
CA LYS A 135 19.83 26.48 9.45
C LYS A 135 20.37 25.61 8.32
N ALA A 136 20.49 24.31 8.57
CA ALA A 136 21.28 23.44 7.73
C ALA A 136 20.50 22.87 6.55
N GLY A 137 19.19 22.74 6.66
CA GLY A 137 18.37 22.16 5.61
C GLY A 137 17.76 20.85 6.05
N VAL A 138 16.91 20.32 5.17
CA VAL A 138 16.14 19.11 5.45
C VAL A 138 16.26 18.16 4.27
N GLN A 139 16.39 16.86 4.57
CA GLN A 139 16.45 15.82 3.56
C GLN A 139 15.39 14.79 3.89
N ILE A 140 14.49 14.53 2.94
CA ILE A 140 13.48 13.50 3.06
C ILE A 140 13.85 12.36 2.12
N VAL A 141 14.14 11.19 2.69
CA VAL A 141 14.43 9.99 1.92
C VAL A 141 13.16 9.16 1.85
N ALA A 142 12.62 8.99 0.64
CA ALA A 142 11.37 8.27 0.42
C ALA A 142 11.68 6.98 -0.32
N THR A 143 11.23 5.85 0.22
CA THR A 143 11.59 4.54 -0.29
C THR A 143 10.35 3.70 -0.59
N ASP A 144 10.47 2.86 -1.61
CA ASP A 144 9.52 1.80 -1.89
C ASP A 144 10.18 0.86 -2.88
N LEU A 145 9.48 -0.22 -3.23
CA LEU A 145 9.97 -1.11 -4.28
C LEU A 145 10.03 -0.37 -5.60
N SER A 146 11.07 -0.67 -6.38
CA SER A 146 11.18 -0.08 -7.71
C SER A 146 10.05 -0.57 -8.61
N GLY A 147 9.71 0.24 -9.59
CA GLY A 147 8.61 -0.07 -10.49
C GLY A 147 7.90 1.19 -10.89
N SER A 148 6.70 1.00 -11.47
CA SER A 148 5.98 2.13 -12.05
C SER A 148 5.41 3.06 -10.97
N MET A 149 5.04 2.50 -9.82
N MET A 149 5.05 2.53 -9.80
CA MET A 149 4.47 3.32 -8.74
CA MET A 149 4.46 3.40 -8.79
C MET A 149 5.52 4.25 -8.15
C MET A 149 5.53 4.27 -8.13
N LEU A 150 6.71 3.73 -7.86
CA LEU A 150 7.80 4.57 -7.38
C LEU A 150 8.26 5.54 -8.46
N THR A 151 8.15 5.13 -9.72
CA THR A 151 8.52 6.01 -10.83
C THR A 151 7.57 7.19 -10.93
N ALA A 152 6.26 6.95 -10.75
CA ALA A 152 5.31 8.05 -10.76
C ALA A 152 5.50 8.96 -9.55
N ALA A 153 5.89 8.39 -8.41
CA ALA A 153 6.20 9.22 -7.24
C ALA A 153 7.32 10.19 -7.55
N LYS A 154 8.39 9.69 -8.19
CA LYS A 154 9.51 10.55 -8.57
C LYS A 154 9.07 11.67 -9.51
N ALA A 155 8.19 11.35 -10.45
CA ALA A 155 7.71 12.36 -11.39
C ALA A 155 6.92 13.45 -10.69
N GLY A 156 6.27 13.12 -9.57
CA GLY A 156 5.55 14.13 -8.82
C GLY A 156 4.33 14.70 -9.51
N GLU A 157 3.77 13.99 -10.48
CA GLU A 157 2.58 14.41 -11.21
C GLU A 157 1.35 13.66 -10.73
N TYR A 158 0.23 14.38 -10.57
CA TYR A 158 -0.98 13.82 -10.01
C TYR A 158 -2.20 14.27 -10.81
N ASP A 159 -3.21 13.40 -10.87
CA ASP A 159 -4.41 13.68 -11.65
C ASP A 159 -5.51 14.25 -10.74
N THR A 160 -6.68 14.49 -11.34
CA THR A 160 -7.76 15.17 -10.63
C THR A 160 -8.22 14.38 -9.42
N LEU A 161 -8.35 13.06 -9.56
CA LEU A 161 -8.77 12.23 -8.44
C LEU A 161 -7.80 12.36 -7.27
N ALA A 162 -6.50 12.30 -7.56
CA ALA A 162 -5.50 12.39 -6.49
C ALA A 162 -5.49 13.78 -5.85
N MET A 163 -5.77 14.82 -6.63
CA MET A 163 -5.69 16.19 -6.13
C MET A 163 -6.98 16.67 -5.49
N GLY A 164 -8.10 15.98 -5.71
CA GLY A 164 -9.40 16.47 -5.26
C GLY A 164 -9.73 16.22 -3.81
N ARG A 165 -8.76 15.78 -3.00
CA ARG A 165 -9.03 15.41 -1.63
C ARG A 165 -7.79 15.64 -0.78
N GLY A 166 -7.96 16.26 0.38
CA GLY A 166 -6.88 16.42 1.33
C GLY A 166 -5.95 17.58 1.07
N LEU A 167 -6.16 18.35 0.02
CA LEU A 167 -5.30 19.48 -0.33
C LEU A 167 -6.13 20.75 -0.36
N SER A 168 -5.77 21.70 0.49
CA SER A 168 -6.47 22.97 0.52
C SER A 168 -6.15 23.77 -0.74
N PRO A 169 -7.06 24.65 -1.17
CA PRO A 169 -6.71 25.53 -2.30
C PRO A 169 -5.50 26.41 -2.02
N GLU A 170 -5.23 26.71 -0.76
CA GLU A 170 -4.02 27.45 -0.42
C GLU A 170 -2.79 26.64 -0.76
N ARG A 171 -2.77 25.36 -0.39
CA ARG A 171 -1.61 24.52 -0.69
C ARG A 171 -1.52 24.19 -2.17
N LEU A 172 -2.66 24.03 -2.85
CA LEU A 172 -2.64 23.75 -4.28
C LEU A 172 -2.00 24.90 -5.05
N GLN A 173 -2.39 26.14 -4.74
CA GLN A 173 -1.82 27.28 -5.43
C GLN A 173 -0.36 27.49 -5.06
N ARG A 174 0.00 27.21 -3.80
CA ARG A 174 1.34 27.52 -3.31
C ARG A 174 2.37 26.48 -3.72
N TYR A 175 1.97 25.21 -3.88
CA TYR A 175 2.93 24.13 -3.98
C TYR A 175 2.80 23.28 -5.24
N PHE A 176 1.88 23.59 -6.15
CA PHE A 176 1.70 22.77 -7.34
C PHE A 176 1.68 23.63 -8.60
N ASP A 177 2.09 23.03 -9.71
CA ASP A 177 2.02 23.64 -11.04
C ASP A 177 1.02 22.85 -11.87
N ALA A 178 0.02 23.55 -12.42
CA ALA A 178 -0.89 22.91 -13.36
C ALA A 178 -0.13 22.47 -14.61
N LYS A 179 -0.47 21.28 -15.10
CA LYS A 179 0.23 20.66 -16.23
C LYS A 179 -0.76 20.20 -17.30
N GLY A 180 -1.64 21.11 -17.72
CA GLY A 180 -2.66 20.75 -18.67
C GLY A 180 -3.85 20.10 -18.00
N PRO A 181 -4.81 19.65 -18.81
CA PRO A 181 -6.12 19.24 -18.27
C PRO A 181 -6.01 18.12 -17.24
N GLY A 182 -6.43 18.43 -16.02
CA GLY A 182 -6.55 17.41 -14.99
C GLY A 182 -5.25 16.88 -14.43
N ARG A 183 -4.13 17.55 -14.65
CA ARG A 183 -2.86 17.14 -14.08
C ARG A 183 -2.19 18.30 -13.36
N TRP A 184 -1.53 17.97 -12.24
CA TRP A 184 -0.75 18.93 -11.48
C TRP A 184 0.56 18.27 -11.09
N ALA A 185 1.62 19.08 -11.00
CA ALA A 185 2.92 18.60 -10.56
C ALA A 185 3.34 19.35 -9.31
N VAL A 186 3.96 18.61 -8.37
CA VAL A 186 4.53 19.25 -7.20
C VAL A 186 5.62 20.21 -7.64
N LYS A 187 5.67 21.38 -7.01
CA LYS A 187 6.64 22.39 -7.42
C LYS A 187 8.05 21.87 -7.23
N PRO A 188 8.97 22.21 -8.14
CA PRO A 188 10.32 21.62 -8.07
C PRO A 188 11.07 21.91 -6.78
N ALA A 189 10.86 23.08 -6.18
CA ALA A 189 11.50 23.38 -4.90
C ALA A 189 11.04 22.40 -3.82
N ILE A 190 9.76 22.02 -3.85
CA ILE A 190 9.26 21.06 -2.88
C ILE A 190 9.81 19.67 -3.18
N ARG A 191 9.87 19.29 -4.46
CA ARG A 191 10.41 17.98 -4.83
C ARG A 191 11.89 17.85 -4.50
N SER A 192 12.65 18.95 -4.60
CA SER A 192 14.09 18.87 -4.39
C SER A 192 14.43 18.37 -2.99
N ARG A 193 13.56 18.64 -2.02
CA ARG A 193 13.77 18.16 -0.66
C ARG A 193 13.70 16.64 -0.57
N VAL A 194 13.02 15.97 -1.50
CA VAL A 194 12.77 14.55 -1.42
C VAL A 194 13.72 13.81 -2.35
N GLU A 195 14.33 12.75 -1.85
CA GLU A 195 15.13 11.83 -2.65
C GLU A 195 14.47 10.45 -2.60
N PHE A 196 14.12 9.93 -3.77
CA PHE A 196 13.47 8.63 -3.85
C PHE A 196 14.50 7.52 -4.08
N ARG A 197 14.36 6.44 -3.33
CA ARG A 197 15.23 5.28 -3.44
C ARG A 197 14.40 4.01 -3.49
N ALA A 198 14.91 3.02 -4.21
CA ALA A 198 14.33 1.69 -4.19
C ALA A 198 14.87 0.91 -3.00
N LEU A 199 13.97 0.36 -2.19
CA LEU A 199 14.39 -0.36 -1.00
C LEU A 199 13.40 -1.46 -0.68
N ASN A 200 13.93 -2.66 -0.46
CA ASN A 200 13.16 -3.79 0.06
C ASN A 200 13.19 -3.69 1.58
N LEU A 201 12.03 -3.45 2.19
CA LEU A 201 11.95 -3.34 3.64
C LEU A 201 12.43 -4.60 4.35
N LEU A 202 12.45 -5.74 3.65
CA LEU A 202 12.96 -6.97 4.23
C LEU A 202 14.49 -7.06 4.21
N ASP A 203 15.16 -6.13 3.54
CA ASP A 203 16.61 -6.12 3.47
C ASP A 203 17.20 -5.10 4.42
N SER A 204 18.53 -5.10 4.50
CA SER A 204 19.23 -4.24 5.46
C SER A 204 18.99 -2.77 5.17
N TYR A 205 18.95 -1.97 6.24
CA TYR A 205 18.81 -0.53 6.17
C TYR A 205 20.15 0.19 6.30
N ALA A 206 21.26 -0.54 6.19
CA ALA A 206 22.57 0.04 6.46
C ALA A 206 22.87 1.22 5.54
N SER A 207 22.42 1.15 4.29
CA SER A 207 22.72 2.21 3.34
C SER A 207 21.92 3.48 3.57
N LEU A 208 20.94 3.47 4.48
CA LEU A 208 20.06 4.61 4.69
C LEU A 208 20.64 5.66 5.63
N GLY A 209 21.68 5.32 6.39
CA GLY A 209 22.16 6.29 7.35
C GLY A 209 21.24 6.41 8.55
N LYS A 210 21.26 7.59 9.18
CA LYS A 210 20.54 7.84 10.41
C LYS A 210 19.52 8.94 10.23
N PHE A 211 18.37 8.80 10.89
CA PHE A 211 17.24 9.71 10.72
C PHE A 211 16.82 10.31 12.06
N ASP A 212 16.44 11.59 12.01
CA ASP A 212 15.78 12.21 13.16
C ASP A 212 14.36 11.70 13.31
N MET A 213 13.75 11.26 12.21
CA MET A 213 12.34 10.90 12.18
C MET A 213 12.14 9.78 11.18
N VAL A 214 11.25 8.85 11.49
CA VAL A 214 10.83 7.83 10.53
C VAL A 214 9.31 7.84 10.47
N PHE A 215 8.77 7.99 9.26
CA PHE A 215 7.35 7.81 9.00
C PHE A 215 7.17 6.47 8.32
N CYS A 216 6.44 5.55 8.99
CA CYS A 216 6.19 4.20 8.48
C CYS A 216 4.74 3.88 8.82
N ARG A 217 3.82 4.38 8.00
CA ARG A 217 2.42 4.49 8.37
C ARG A 217 1.56 3.60 7.49
N ASN A 218 0.78 2.72 8.13
CA ASN A 218 -0.16 1.82 7.46
C ASN A 218 0.57 0.89 6.49
N VAL A 219 1.78 0.48 6.88
CA VAL A 219 2.62 -0.41 6.09
C VAL A 219 2.86 -1.73 6.81
N LEU A 220 3.11 -1.68 8.12
CA LEU A 220 3.44 -2.89 8.87
C LEU A 220 2.27 -3.84 8.97
N ILE A 221 1.05 -3.39 8.68
CA ILE A 221 -0.11 -4.27 8.62
C ILE A 221 0.02 -5.32 7.54
N TYR A 222 0.95 -5.14 6.59
CA TYR A 222 1.17 -6.08 5.51
C TYR A 222 2.19 -7.14 5.84
N PHE A 223 2.67 -7.19 7.08
CA PHE A 223 3.67 -8.16 7.49
C PHE A 223 3.16 -8.93 8.71
N SER A 224 3.67 -10.16 8.86
CA SER A 224 3.30 -10.98 10.00
C SER A 224 3.85 -10.37 11.29
N ALA A 225 3.38 -10.90 12.42
CA ALA A 225 3.81 -10.39 13.71
C ALA A 225 5.33 -10.48 13.86
N GLU A 226 5.93 -11.60 13.45
CA GLU A 226 7.36 -11.76 13.63
C GLU A 226 8.15 -10.89 12.65
N VAL A 227 7.65 -10.75 11.41
CA VAL A 227 8.37 -9.96 10.43
C VAL A 227 8.27 -8.47 10.77
N LYS A 228 7.09 -8.02 11.21
CA LYS A 228 6.95 -6.60 11.53
C LYS A 228 7.74 -6.21 12.77
N ARG A 229 7.89 -7.15 13.72
CA ARG A 229 8.73 -6.87 14.88
C ARG A 229 10.19 -6.70 14.48
N ASP A 230 10.67 -7.53 13.55
CA ASP A 230 12.03 -7.39 13.05
C ASP A 230 12.22 -6.07 12.31
N ILE A 231 11.24 -5.70 11.48
CA ILE A 231 11.33 -4.42 10.79
C ILE A 231 11.38 -3.27 11.79
N LEU A 232 10.55 -3.32 12.83
CA LEU A 232 10.56 -2.27 13.83
C LEU A 232 11.87 -2.24 14.60
N LEU A 233 12.43 -3.41 14.89
CA LEU A 233 13.74 -3.45 15.54
C LEU A 233 14.82 -2.83 14.67
N ARG A 234 14.79 -3.09 13.37
CA ARG A 234 15.82 -2.56 12.49
C ARG A 234 15.56 -1.09 12.15
N ILE A 235 14.29 -0.66 12.14
CA ILE A 235 14.01 0.78 12.05
C ILE A 235 14.65 1.51 13.22
N HIS A 236 14.59 0.92 14.41
CA HIS A 236 15.20 1.53 15.59
C HIS A 236 16.68 1.77 15.38
N GLY A 237 17.35 0.87 14.65
CA GLY A 237 18.76 1.05 14.35
C GLY A 237 19.06 2.24 13.46
N THR A 238 18.06 2.72 12.70
CA THR A 238 18.26 3.87 11.83
C THR A 238 17.93 5.19 12.51
N LEU A 239 17.36 5.17 13.71
CA LEU A 239 16.95 6.40 14.37
C LEU A 239 18.08 6.93 15.25
N LYS A 240 18.34 8.23 15.14
CA LYS A 240 19.22 8.88 16.08
C LYS A 240 18.62 8.77 17.49
N PRO A 241 19.44 8.83 18.53
CA PRO A 241 18.91 8.78 19.89
C PRO A 241 17.85 9.86 20.10
N GLY A 242 16.72 9.45 20.69
CA GLY A 242 15.61 10.35 20.88
C GLY A 242 14.81 10.65 19.63
N GLY A 243 15.11 10.01 18.51
CA GLY A 243 14.32 10.20 17.31
C GLY A 243 12.93 9.62 17.45
N TYR A 244 12.04 10.03 16.57
CA TYR A 244 10.63 9.66 16.65
C TYR A 244 10.22 8.77 15.49
N LEU A 245 9.37 7.81 15.78
CA LEU A 245 8.75 6.96 14.78
C LEU A 245 7.25 7.27 14.74
N PHE A 246 6.73 7.49 13.54
CA PHE A 246 5.30 7.76 13.32
C PHE A 246 4.68 6.54 12.66
N LEU A 247 3.62 6.02 13.26
CA LEU A 247 2.86 4.92 12.66
C LEU A 247 1.51 5.44 12.19
N GLY A 248 0.71 4.53 11.63
CA GLY A 248 -0.63 4.88 11.22
C GLY A 248 -1.51 5.22 12.42
N ALA A 249 -2.65 5.88 12.13
CA ALA A 249 -3.52 6.37 13.20
C ALA A 249 -4.10 5.23 14.03
N SER A 250 -4.27 4.04 13.44
CA SER A 250 -4.85 2.90 14.14
C SER A 250 -3.81 1.84 14.48
N GLU A 251 -2.53 2.20 14.43
CA GLU A 251 -1.44 1.26 14.60
C GLU A 251 -0.78 1.45 15.95
N ALA A 252 -0.66 0.37 16.71
CA ALA A 252 0.12 0.34 17.94
C ALA A 252 1.41 -0.44 17.73
N LEU A 253 2.41 -0.13 18.53
CA LEU A 253 3.71 -0.76 18.45
C LEU A 253 3.78 -1.88 19.49
N ASN A 254 3.87 -3.13 19.03
CA ASN A 254 3.68 -4.28 19.90
C ASN A 254 5.01 -4.91 20.28
N ASN A 255 5.18 -5.18 21.58
CA ASN A 255 6.21 -6.08 22.10
C ASN A 255 7.62 -5.55 21.94
N LEU A 256 7.81 -4.24 22.02
CA LEU A 256 9.14 -3.62 21.98
C LEU A 256 9.25 -2.53 23.04
N PRO A 257 8.99 -2.86 24.31
CA PRO A 257 8.97 -1.81 25.34
C PRO A 257 10.34 -1.23 25.64
N ASP A 258 11.40 -2.02 25.52
CA ASP A 258 12.74 -1.51 25.79
C ASP A 258 13.28 -0.65 24.65
N HIS A 259 12.68 -0.73 23.46
CA HIS A 259 13.17 0.02 22.31
C HIS A 259 12.37 1.29 22.04
N TYR A 260 11.06 1.29 22.31
CA TYR A 260 10.20 2.40 21.96
C TYR A 260 9.38 2.84 23.16
N GLN A 261 9.24 4.16 23.33
CA GLN A 261 8.42 4.75 24.38
C GLN A 261 7.29 5.53 23.72
N MET A 262 6.05 5.15 24.03
CA MET A 262 4.90 5.88 23.50
C MET A 262 4.88 7.29 24.07
N VAL A 263 4.64 8.27 23.20
CA VAL A 263 4.59 9.68 23.57
C VAL A 263 3.21 10.22 23.19
N GLN A 264 2.52 10.81 24.16
CA GLN A 264 1.19 11.35 23.92
C GLN A 264 1.26 12.66 23.16
N CYS A 265 0.52 12.74 22.07
CA CYS A 265 0.33 13.98 21.31
C CYS A 265 -1.13 14.41 21.40
N SER A 266 -1.44 15.56 20.80
CA SER A 266 -2.78 16.15 20.91
C SER A 266 -3.38 16.36 19.52
N PRO A 267 -4.04 15.36 18.95
CA PRO A 267 -4.19 13.99 19.46
C PRO A 267 -3.21 13.02 18.81
N GLY A 268 -3.37 11.72 19.09
CA GLY A 268 -2.50 10.71 18.52
C GLY A 268 -1.26 10.49 19.35
N ILE A 269 -0.39 9.62 18.84
CA ILE A 269 0.83 9.25 19.53
C ILE A 269 1.98 9.18 18.54
N ILE A 270 3.20 9.27 19.08
CA ILE A 270 4.43 8.97 18.37
C ILE A 270 5.30 8.14 19.32
N TYR A 271 6.35 7.55 18.76
CA TYR A 271 7.20 6.65 19.52
C TYR A 271 8.62 7.18 19.54
N ARG A 272 9.14 7.40 20.74
CA ARG A 272 10.52 7.86 20.91
C ARG A 272 11.45 6.66 20.97
N ALA A 273 12.56 6.73 20.23
CA ALA A 273 13.55 5.67 20.28
C ALA A 273 14.33 5.75 21.58
N LYS A 274 14.26 4.69 22.39
CA LYS A 274 14.99 4.64 23.65
C LYS A 274 16.39 4.07 23.42
N GLN B 4 -1.65 -32.42 -6.28
CA GLN B 4 -0.82 -33.49 -6.83
C GLN B 4 0.63 -33.04 -6.96
N HIS B 5 1.55 -33.99 -6.79
CA HIS B 5 2.95 -33.64 -6.58
C HIS B 5 3.69 -33.26 -7.85
N ASP B 6 3.14 -33.56 -9.03
CA ASP B 6 3.75 -33.11 -10.28
C ASP B 6 3.31 -31.72 -10.70
N GLU B 7 2.24 -31.19 -10.10
CA GLU B 7 1.76 -29.87 -10.45
C GLU B 7 2.69 -28.79 -9.92
N ARG B 8 2.73 -27.66 -10.62
CA ARG B 8 3.51 -26.51 -10.19
C ARG B 8 2.60 -25.45 -9.61
N ARG B 9 2.93 -24.96 -8.41
CA ARG B 9 2.15 -23.91 -7.80
C ARG B 9 2.27 -22.62 -8.61
N ARG B 10 1.13 -22.00 -8.91
CA ARG B 10 1.12 -20.77 -9.69
C ARG B 10 1.56 -19.56 -8.89
N PHE B 11 1.21 -19.52 -7.60
CA PHE B 11 1.38 -18.32 -6.80
C PHE B 11 2.19 -18.63 -5.55
N HIS B 12 2.99 -17.66 -5.13
CA HIS B 12 3.84 -17.83 -3.96
C HIS B 12 3.02 -17.66 -2.68
N ARG B 13 3.23 -18.56 -1.73
CA ARG B 13 2.50 -18.56 -0.47
C ARG B 13 3.34 -17.90 0.60
N ILE B 14 2.73 -17.02 1.38
CA ILE B 14 3.40 -16.16 2.34
C ILE B 14 2.86 -16.46 3.72
N ALA B 15 3.76 -16.82 4.65
CA ALA B 15 3.38 -17.01 6.04
C ALA B 15 2.74 -15.73 6.58
N PHE B 16 1.52 -15.86 7.10
CA PHE B 16 0.78 -14.70 7.57
C PHE B 16 -0.16 -15.10 8.70
N ASP B 17 -0.46 -14.15 9.58
CA ASP B 17 -1.16 -14.48 10.82
C ASP B 17 -2.25 -13.48 11.21
N ALA B 18 -2.76 -12.70 10.25
CA ALA B 18 -3.80 -11.73 10.57
C ALA B 18 -5.04 -12.40 11.13
N ASP B 19 -5.74 -11.69 12.01
CA ASP B 19 -7.04 -12.14 12.50
C ASP B 19 -7.95 -12.44 11.31
N SER B 20 -8.59 -13.61 11.35
CA SER B 20 -9.30 -14.10 10.17
C SER B 20 -10.57 -14.81 10.60
N GLU B 21 -11.56 -14.80 9.70
N GLU B 21 -11.57 -14.77 9.70
CA GLU B 21 -12.79 -15.56 9.92
CA GLU B 21 -12.82 -15.48 9.86
C GLU B 21 -13.30 -16.09 8.60
C GLU B 21 -13.18 -16.18 8.55
N ILE B 22 -13.97 -17.23 8.66
CA ILE B 22 -14.58 -17.88 7.51
C ILE B 22 -16.09 -17.82 7.68
N LEU B 23 -16.79 -17.52 6.60
CA LEU B 23 -18.24 -17.41 6.62
C LEU B 23 -18.85 -18.35 5.60
N GLN B 24 -20.06 -18.83 5.90
CA GLN B 24 -20.86 -19.56 4.92
C GLN B 24 -22.32 -19.46 5.36
N GLY B 25 -23.14 -18.76 4.58
CA GLY B 25 -24.52 -18.55 4.96
C GLY B 25 -24.59 -17.74 6.24
N GLU B 26 -25.25 -18.30 7.25
CA GLU B 26 -25.32 -17.68 8.56
C GLU B 26 -24.21 -18.14 9.50
N ARG B 27 -23.38 -19.09 9.06
CA ARG B 27 -22.33 -19.63 9.90
C ARG B 27 -21.09 -18.73 9.88
N ARG B 28 -20.38 -18.70 11.00
CA ARG B 28 -19.16 -17.93 11.11
C ARG B 28 -18.19 -18.66 12.02
N TRP B 29 -16.95 -18.82 11.56
CA TRP B 29 -15.88 -19.44 12.34
C TRP B 29 -14.69 -18.50 12.42
N GLU B 30 -14.24 -18.24 13.64
CA GLU B 30 -12.90 -17.68 13.81
C GLU B 30 -11.88 -18.76 13.50
N VAL B 31 -10.89 -18.43 12.67
CA VAL B 31 -9.88 -19.40 12.26
C VAL B 31 -8.50 -18.79 12.40
N LEU B 32 -7.52 -19.64 12.68
CA LEU B 32 -6.12 -19.22 12.75
C LEU B 32 -5.54 -19.24 11.35
N LEU B 33 -5.05 -18.08 10.88
CA LEU B 33 -4.47 -17.99 9.55
C LEU B 33 -3.03 -18.49 9.57
N HIS B 34 -2.66 -19.23 8.53
CA HIS B 34 -1.32 -19.79 8.39
C HIS B 34 -0.54 -19.17 7.24
N ASP B 35 -1.14 -19.05 6.07
CA ASP B 35 -0.48 -18.36 4.97
C ASP B 35 -1.53 -17.72 4.07
N VAL B 36 -1.05 -16.82 3.21
CA VAL B 36 -1.88 -16.17 2.21
C VAL B 36 -1.10 -16.12 0.91
N SER B 37 -1.83 -15.99 -0.20
CA SER B 37 -1.26 -15.79 -1.51
C SER B 37 -2.18 -14.87 -2.29
N LEU B 38 -1.78 -14.54 -3.51
CA LEU B 38 -2.65 -13.77 -4.39
C LEU B 38 -3.91 -14.53 -4.78
N HIS B 39 -3.99 -15.83 -4.49
CA HIS B 39 -5.09 -16.64 -4.99
C HIS B 39 -5.58 -17.68 -4.00
N GLY B 40 -5.35 -17.49 -2.71
CA GLY B 40 -5.81 -18.48 -1.75
C GLY B 40 -5.21 -18.25 -0.38
N ILE B 41 -5.69 -19.04 0.59
CA ILE B 41 -5.26 -18.94 1.98
C ILE B 41 -5.18 -20.33 2.59
N LEU B 42 -4.42 -20.44 3.67
CA LEU B 42 -4.34 -21.64 4.50
C LEU B 42 -4.75 -21.28 5.92
N VAL B 43 -5.73 -22.01 6.46
CA VAL B 43 -6.23 -21.73 7.80
C VAL B 43 -6.34 -23.05 8.57
N GLY B 44 -6.34 -22.93 9.89
CA GLY B 44 -6.58 -24.08 10.73
C GLY B 44 -8.06 -24.40 10.80
N GLN B 45 -8.37 -25.70 10.82
CA GLN B 45 -9.76 -26.11 10.91
C GLN B 45 -10.32 -25.74 12.28
N PRO B 46 -11.43 -25.02 12.35
CA PRO B 46 -11.95 -24.56 13.64
C PRO B 46 -12.80 -25.64 14.30
N GLN B 47 -13.25 -25.33 15.51
CA GLN B 47 -14.24 -26.16 16.19
C GLN B 47 -15.57 -26.10 15.45
N ASP B 48 -16.32 -27.20 15.55
CA ASP B 48 -17.67 -27.29 14.98
C ASP B 48 -17.64 -26.96 13.48
N TRP B 49 -16.72 -27.60 12.76
CA TRP B 49 -16.55 -27.34 11.34
C TRP B 49 -17.56 -28.19 10.57
N ASN B 50 -18.75 -27.63 10.37
CA ASN B 50 -19.76 -28.24 9.51
C ASN B 50 -19.93 -27.46 8.21
N GLY B 51 -18.86 -26.81 7.76
CA GLY B 51 -18.88 -26.09 6.50
C GLY B 51 -19.09 -27.02 5.33
N ASP B 52 -20.11 -26.74 4.52
CA ASP B 52 -20.41 -27.53 3.34
C ASP B 52 -19.29 -27.37 2.32
N PRO B 53 -18.46 -28.39 2.10
CA PRO B 53 -17.30 -28.21 1.21
C PRO B 53 -17.66 -28.03 -0.25
N GLN B 54 -18.90 -28.36 -0.64
CA GLN B 54 -19.32 -28.25 -2.03
C GLN B 54 -19.90 -26.87 -2.36
N ARG B 55 -19.96 -25.96 -1.39
CA ARG B 55 -20.50 -24.64 -1.62
C ARG B 55 -19.47 -23.58 -1.25
N PRO B 56 -19.55 -22.40 -1.84
CA PRO B 56 -18.53 -21.37 -1.58
C PRO B 56 -18.55 -20.89 -0.14
N PHE B 57 -17.39 -20.39 0.29
CA PHE B 57 -17.21 -19.73 1.57
C PHE B 57 -16.80 -18.29 1.33
N GLU B 58 -16.69 -17.53 2.42
CA GLU B 58 -16.12 -16.19 2.38
C GLU B 58 -15.08 -16.07 3.47
N ALA B 59 -13.93 -15.48 3.13
CA ALA B 59 -12.87 -15.20 4.09
C ALA B 59 -12.80 -13.70 4.35
N ARG B 60 -12.57 -13.34 5.61
CA ARG B 60 -12.35 -11.95 6.00
C ARG B 60 -11.03 -11.90 6.76
N LEU B 61 -10.03 -11.25 6.17
CA LEU B 61 -8.72 -11.08 6.79
C LEU B 61 -8.62 -9.65 7.29
N TYR B 62 -8.42 -9.49 8.59
CA TYR B 62 -8.34 -8.17 9.22
C TYR B 62 -6.88 -7.76 9.32
N LEU B 63 -6.45 -6.84 8.46
CA LEU B 63 -5.09 -6.32 8.49
C LEU B 63 -5.07 -5.10 9.41
N GLY B 64 -4.61 -5.29 10.64
CA GLY B 64 -4.64 -4.19 11.58
C GLY B 64 -6.07 -3.87 12.01
N LEU B 65 -6.31 -2.58 12.24
CA LEU B 65 -7.60 -2.14 12.76
C LEU B 65 -8.56 -1.63 11.70
N ASP B 66 -8.06 -1.17 10.55
CA ASP B 66 -8.95 -0.50 9.60
C ASP B 66 -8.71 -0.93 8.16
N VAL B 67 -8.18 -2.13 7.94
CA VAL B 67 -8.02 -2.68 6.60
C VAL B 67 -8.55 -4.10 6.60
N LEU B 68 -9.47 -4.39 5.67
CA LEU B 68 -10.15 -5.67 5.61
C LEU B 68 -10.01 -6.24 4.20
N ILE B 69 -9.49 -7.46 4.10
CA ILE B 69 -9.40 -8.17 2.83
C ILE B 69 -10.50 -9.23 2.82
N ARG B 70 -11.41 -9.13 1.85
CA ARG B 70 -12.57 -10.00 1.74
C ARG B 70 -12.48 -10.77 0.44
N MET B 71 -12.73 -12.08 0.49
CA MET B 71 -12.66 -12.87 -0.74
C MET B 71 -13.63 -14.03 -0.67
N GLU B 72 -14.22 -14.35 -1.82
CA GLU B 72 -14.97 -15.59 -1.97
C GLU B 72 -13.99 -16.74 -2.22
N ILE B 73 -14.15 -17.82 -1.47
CA ILE B 73 -13.19 -18.92 -1.50
C ILE B 73 -13.92 -20.24 -1.69
N SER B 74 -13.23 -21.19 -2.32
CA SER B 74 -13.67 -22.57 -2.41
C SER B 74 -12.69 -23.45 -1.65
N LEU B 75 -13.21 -24.45 -0.94
CA LEU B 75 -12.34 -25.38 -0.21
C LEU B 75 -11.58 -26.24 -1.21
N ALA B 76 -10.25 -26.11 -1.22
CA ALA B 76 -9.43 -26.91 -2.12
C ALA B 76 -9.04 -28.26 -1.53
N TRP B 77 -8.71 -28.27 -0.24
CA TRP B 77 -8.33 -29.51 0.43
C TRP B 77 -8.47 -29.32 1.93
N ALA B 78 -8.58 -30.44 2.65
CA ALA B 78 -8.72 -30.43 4.09
C ALA B 78 -8.09 -31.70 4.64
N ARG B 79 -7.13 -31.56 5.55
CA ARG B 79 -6.58 -32.74 6.19
C ARG B 79 -5.77 -32.34 7.42
N ASP B 80 -5.83 -33.21 8.43
CA ASP B 80 -5.01 -33.11 9.65
C ASP B 80 -5.10 -31.71 10.27
N GLY B 81 -6.31 -31.20 10.36
CA GLY B 81 -6.54 -29.94 11.05
C GLY B 81 -6.27 -28.69 10.25
N LEU B 82 -6.03 -28.81 8.95
CA LEU B 82 -5.75 -27.67 8.09
C LEU B 82 -6.77 -27.61 6.97
N LEU B 83 -7.05 -26.38 6.51
CA LEU B 83 -7.99 -26.13 5.43
C LEU B 83 -7.32 -25.22 4.41
N GLY B 84 -7.20 -25.69 3.16
CA GLY B 84 -6.66 -24.88 2.08
C GLY B 84 -7.77 -24.40 1.17
N PHE B 85 -7.77 -23.10 0.90
CA PHE B 85 -8.82 -22.46 0.12
C PHE B 85 -8.23 -21.80 -1.13
N GLU B 86 -9.02 -21.80 -2.20
CA GLU B 86 -8.68 -21.10 -3.43
C GLU B 86 -9.59 -19.90 -3.59
N CYS B 87 -9.00 -18.75 -3.92
CA CYS B 87 -9.80 -17.54 -4.13
C CYS B 87 -10.60 -17.66 -5.42
N GLN B 88 -11.86 -17.22 -5.36
CA GLN B 88 -12.75 -17.29 -6.52
C GLN B 88 -13.16 -15.91 -7.00
N HIS B 89 -13.79 -15.11 -6.15
CA HIS B 89 -14.14 -13.73 -6.47
C HIS B 89 -13.61 -12.83 -5.36
N ILE B 90 -13.21 -11.62 -5.74
CA ILE B 90 -12.65 -10.67 -4.78
C ILE B 90 -12.90 -9.25 -5.29
N ASP B 91 -13.29 -8.36 -4.39
CA ASP B 91 -13.55 -6.99 -4.78
C ASP B 91 -12.24 -6.25 -5.03
N LEU B 92 -12.33 -5.14 -5.77
CA LEU B 92 -11.13 -4.46 -6.23
C LEU B 92 -10.27 -3.96 -5.08
N ASP B 93 -10.90 -3.38 -4.05
CA ASP B 93 -10.10 -2.87 -2.93
C ASP B 93 -9.40 -4.01 -2.20
N SER B 94 -10.08 -5.14 -2.04
CA SER B 94 -9.47 -6.28 -1.35
C SER B 94 -8.28 -6.84 -2.11
N ILE B 95 -8.40 -6.98 -3.44
CA ILE B 95 -7.30 -7.51 -4.21
C ILE B 95 -6.16 -6.49 -4.29
N SER B 96 -6.48 -5.20 -4.20
CA SER B 96 -5.42 -4.19 -4.18
C SER B 96 -4.61 -4.27 -2.89
N HIS B 97 -5.28 -4.48 -1.76
CA HIS B 97 -4.57 -4.72 -0.52
C HIS B 97 -3.79 -6.03 -0.58
N LEU B 98 -4.39 -7.08 -1.15
CA LEU B 98 -3.69 -8.35 -1.30
C LEU B 98 -2.45 -8.21 -2.17
N ARG B 99 -2.58 -7.48 -3.29
CA ARG B 99 -1.43 -7.24 -4.15
C ARG B 99 -0.32 -6.49 -3.41
N ARG B 100 -0.69 -5.51 -2.58
CA ARG B 100 0.30 -4.79 -1.79
C ARG B 100 0.98 -5.73 -0.80
N LEU B 101 0.21 -6.60 -0.15
CA LEU B 101 0.80 -7.59 0.75
C LEU B 101 1.79 -8.47 0.01
N VAL B 102 1.39 -9.01 -1.14
CA VAL B 102 2.22 -9.97 -1.87
C VAL B 102 3.50 -9.29 -2.35
N GLU B 103 3.38 -8.09 -2.93
CA GLU B 103 4.57 -7.44 -3.46
C GLU B 103 5.54 -7.07 -2.34
N LEU B 104 5.04 -6.61 -1.20
CA LEU B 104 5.93 -6.25 -0.10
C LEU B 104 6.64 -7.47 0.48
N ASN B 105 5.97 -8.62 0.51
CA ASN B 105 6.60 -9.82 1.07
C ASN B 105 7.46 -10.55 0.06
N LEU B 106 7.24 -10.33 -1.24
CA LEU B 106 8.15 -10.85 -2.25
C LEU B 106 9.41 -9.99 -2.37
N GLY B 107 9.30 -8.69 -2.07
CA GLY B 107 10.46 -7.81 -2.11
C GLY B 107 10.95 -7.45 -3.49
N ASP B 108 10.18 -7.78 -4.54
CA ASP B 108 10.58 -7.48 -5.90
C ASP B 108 9.32 -7.31 -6.73
N GLU B 109 9.16 -6.13 -7.33
CA GLU B 109 7.96 -5.85 -8.09
C GLU B 109 7.82 -6.76 -9.30
N GLU B 110 8.94 -7.19 -9.87
CA GLU B 110 8.86 -8.04 -11.06
C GLU B 110 8.32 -9.42 -10.71
N LEU B 111 8.60 -9.92 -9.50
CA LEU B 111 7.99 -11.18 -9.08
C LEU B 111 6.48 -11.03 -8.92
N LEU B 112 6.03 -9.84 -8.49
CA LEU B 112 4.60 -9.57 -8.43
C LEU B 112 3.99 -9.54 -9.82
N GLU B 113 4.67 -8.90 -10.78
CA GLU B 113 4.16 -8.85 -12.15
C GLU B 113 3.98 -10.25 -12.72
N ARG B 114 4.92 -11.16 -12.45
CA ARG B 114 4.78 -12.53 -12.93
C ARG B 114 3.60 -13.23 -12.28
N GLU B 115 3.30 -12.90 -11.01
CA GLU B 115 2.12 -13.47 -10.38
C GLU B 115 0.84 -12.93 -11.01
N LEU B 116 0.81 -11.62 -11.30
CA LEU B 116 -0.36 -11.05 -11.98
C LEU B 116 -0.52 -11.64 -13.38
N ALA B 117 0.60 -11.91 -14.06
CA ALA B 117 0.52 -12.52 -15.38
C ALA B 117 -0.11 -13.91 -15.31
N LEU B 118 0.22 -14.68 -14.27
CA LEU B 118 -0.39 -16.00 -14.12
C LEU B 118 -1.85 -15.89 -13.72
N LEU B 119 -2.22 -14.84 -12.98
CA LEU B 119 -3.60 -14.69 -12.54
C LEU B 119 -4.51 -14.34 -13.72
N VAL B 120 -4.09 -13.41 -14.57
CA VAL B 120 -4.94 -12.95 -15.65
C VAL B 120 -5.01 -13.97 -16.79
N SER B 121 -4.06 -14.89 -16.88
CA SER B 121 -4.05 -15.91 -17.92
C SER B 121 -4.50 -17.27 -17.42
N ALA B 122 -5.08 -17.34 -16.22
CA ALA B 122 -5.44 -18.63 -15.64
C ALA B 122 -6.52 -19.35 -16.45
N HIS B 123 -7.45 -18.60 -17.04
CA HIS B 123 -8.56 -19.18 -17.79
C HIS B 123 -8.40 -18.98 -19.29
N ASP B 124 -7.16 -18.91 -19.77
CA ASP B 124 -6.90 -18.71 -21.19
C ASP B 124 -7.26 -19.95 -22.00
P1 C2E C . 3.59 -28.19 2.65
O2P C2E C . 3.51 -26.99 1.75
O1P C2E C . 3.78 -27.75 4.05
O5' C2E C . 2.20 -28.86 2.50
C5' C2E C . 1.94 -29.81 3.46
C4' C2E C . 0.75 -30.64 3.13
O4' C2E C . -0.32 -29.76 2.94
C3' C2E C . 0.90 -31.37 1.84
O3' C2E C . 1.33 -32.68 2.04
C2' C2E C . -0.40 -31.44 1.36
O2' C2E C . -1.07 -32.56 1.91
C1' C2E C . -1.06 -30.20 1.86
N9 C2E C . -1.18 -29.22 0.75
C8 C2E C . -0.53 -28.12 0.59
N7 C2E C . -0.84 -27.51 -0.44
C5 C2E C . -1.76 -28.11 -1.16
C6 C2E C . -2.47 -27.92 -2.35
O6 C2E C . -2.26 -26.84 -3.11
N1 C2E C . -3.37 -28.84 -2.74
C2 C2E C . -3.60 -29.95 -1.99
N2 C2E C . -4.62 -30.96 -2.46
N3 C2E C . -2.95 -30.20 -0.82
C4 C2E C . -2.04 -29.32 -0.39
P11 C2E C . 2.28 -33.23 0.92
O21 C2E C . 1.43 -33.39 -0.35
O11 C2E C . 2.81 -34.56 1.39
O5A C2E C . 3.47 -32.30 0.49
C5A C2E C . 4.43 -32.15 1.47
C4A C2E C . 5.36 -31.03 1.15
O4A C2E C . 5.91 -31.32 -0.14
C3A C2E C . 4.66 -29.76 1.06
O3A C2E C . 4.83 -29.01 2.20
C2A C2E C . 5.27 -29.07 -0.05
O2A C2E C . 6.28 -28.29 0.45
C1A C2E C . 5.88 -30.13 -0.91
N91 C2E C . 5.13 -30.25 -2.04
C81 C2E C . 4.39 -31.26 -2.40
N71 C2E C . 3.82 -31.10 -3.49
C51 C2E C . 4.08 -29.94 -4.05
C61 C2E C . 3.76 -29.24 -5.20
O61 C2E C . 2.89 -29.79 -6.16
N11 C2E C . 4.28 -28.00 -5.40
C21 C2E C . 5.13 -27.43 -4.48
N21 C2E C . 5.67 -26.08 -4.72
N31 C2E C . 5.47 -28.08 -3.34
C41 C2E C . 4.98 -29.31 -3.10
P1 C2E D . -5.52 -27.60 -5.78
O2P C2E D . -5.47 -28.54 -4.63
O1P C2E D . -6.86 -27.63 -6.42
O5' C2E D . -5.27 -26.19 -5.17
C5' C2E D . -5.86 -25.20 -5.90
C4' C2E D . -5.42 -23.81 -5.56
O4' C2E D . -5.89 -23.52 -4.27
C3' C2E D . -3.94 -23.69 -5.46
O3' C2E D . -3.34 -23.36 -6.67
C2' C2E D . -3.81 -22.58 -4.62
O2' C2E D . -3.89 -21.37 -5.35
C1' C2E D . -4.96 -22.68 -3.67
N9 C2E D . -4.37 -23.16 -2.42
C8 C2E D . -4.30 -24.38 -1.97
N7 C2E D . -3.69 -24.48 -0.90
C5 C2E D . -3.24 -23.32 -0.45
C6 C2E D . -2.53 -22.85 0.66
O6 C2E D . -2.12 -23.68 1.61
N1 C2E D . -2.26 -21.53 0.73
C2 C2E D . -2.67 -20.66 -0.23
N2 C2E D . -2.32 -19.20 -0.07
N3 C2E D . -3.36 -21.06 -1.32
C4 C2E D . -3.66 -22.37 -1.45
P11 C2E D . -1.89 -23.93 -6.85
O21 C2E D . -1.04 -23.34 -5.73
O11 C2E D . -1.40 -23.48 -8.21
O5A C2E D . -1.70 -25.48 -6.75
C5A C2E D . -2.22 -26.13 -7.84
C4A C2E D . -2.36 -27.60 -7.63
O4A C2E D . -1.05 -28.11 -7.34
C3A C2E D . -3.17 -27.90 -6.46
O3A C2E D . -4.49 -28.14 -6.81
C2A C2E D . -2.60 -29.12 -5.93
O2A C2E D . -3.24 -30.20 -6.48
C1A C2E D . -1.18 -29.13 -6.38
N91 C2E D . -0.40 -28.93 -5.30
C81 C2E D . 0.34 -27.91 -5.02
N71 C2E D . 0.96 -28.02 -3.95
C51 C2E D . 0.74 -29.15 -3.33
C61 C2E D . 1.12 -29.80 -2.17
O61 C2E D . 2.03 -29.19 -1.29
N11 C2E D . 0.61 -31.04 -1.89
C21 C2E D . -0.27 -31.65 -2.75
N21 C2E D . -0.81 -32.98 -2.43
N31 C2E D . -0.67 -31.04 -3.88
C41 C2E D . -0.20 -29.83 -4.21
#